data_1C0K
#
_entry.id   1C0K
#
_cell.length_a   120.670
_cell.length_b   120.670
_cell.length_c   136.370
_cell.angle_alpha   90.00
_cell.angle_beta   90.00
_cell.angle_gamma   90.00
#
_symmetry.space_group_name_H-M   'I 4 2 2'
#
loop_
_entity.id
_entity.type
_entity.pdbx_description
1 polymer 'PROTEIN (D-AMINO ACID OXIDASE)'
2 non-polymer 'FLAVIN-ADENINE DINUCLEOTIDE'
3 non-polymer 'LACTIC ACID'
4 water water
#
_entity_poly.entity_id   1
_entity_poly.type   'polypeptide(L)'
_entity_poly.pdbx_seq_one_letter_code
;LMMHSQKRVVVLGSGVIGLSSALILARKGYSVHILARDLPEDVSSQTFASPWAGANWTPFMTLTDGPRQAKWEESTFKKW
VELVPTGHAMWLKGTRRFAQNEDGLLGHWYKDITPNYRPLPSSECPPGAIGVTYDTLSVHAPKYCQYLARELQKLGATFE
RRTVTSLEQAFDGADLVVNATGLGAKSIAGIDDQAAEPIRGQTVLVKSPCKRCTMDSSDPASPAYIIPRPGGEVICGGTY
GVGDWDLSVNPETVQRILKHCLRLDPTISSDGTIEGIEVLRHNVGLRPARRGGPRVEAERIVLPLDRTKSPLSLGRGSAR
AAKEKEVTLVHAYGFSSAGYQQSWGAAEDVAQLVDEAFQRYHG
;
_entity_poly.pdbx_strand_id   A
#
# COMPACT_ATOMS: atom_id res chain seq x y z
N LEU A 1 32.21 16.53 -22.94
CA LEU A 1 32.49 15.94 -21.63
C LEU A 1 31.59 16.58 -20.56
N MET A 2 30.42 15.96 -20.35
CA MET A 2 29.51 16.47 -19.32
C MET A 2 29.72 15.74 -17.99
N MET A 3 29.38 16.45 -16.92
CA MET A 3 29.35 15.85 -15.59
C MET A 3 28.03 15.12 -15.39
N HIS A 4 28.08 13.79 -15.31
CA HIS A 4 26.93 12.92 -15.21
C HIS A 4 26.65 12.50 -13.77
N SER A 5 25.39 12.17 -13.52
CA SER A 5 25.02 11.74 -12.16
C SER A 5 25.75 10.45 -11.83
N GLN A 6 26.19 10.37 -10.59
CA GLN A 6 26.73 9.15 -10.02
C GLN A 6 25.75 8.61 -8.98
N LYS A 7 24.51 9.05 -9.13
CA LYS A 7 23.45 8.64 -8.22
C LYS A 7 22.23 8.09 -8.94
N ARG A 8 22.46 7.16 -9.86
CA ARG A 8 21.38 6.52 -10.58
C ARG A 8 20.80 5.37 -9.78
N VAL A 9 19.47 5.36 -9.69
CA VAL A 9 18.79 4.23 -9.08
C VAL A 9 17.59 3.85 -9.95
N VAL A 10 17.28 2.55 -9.91
CA VAL A 10 16.06 2.06 -10.53
C VAL A 10 15.09 1.67 -9.41
N VAL A 11 13.85 2.09 -9.57
CA VAL A 11 12.77 1.64 -8.70
C VAL A 11 11.88 0.69 -9.52
N LEU A 12 11.82 -0.54 -9.04
CA LEU A 12 11.06 -1.59 -9.69
C LEU A 12 9.71 -1.69 -9.01
N GLY A 13 8.68 -1.19 -9.68
CA GLY A 13 7.35 -1.11 -9.11
C GLY A 13 6.87 0.33 -8.99
N SER A 14 5.61 0.56 -9.34
CA SER A 14 5.02 1.88 -9.41
C SER A 14 3.68 1.96 -8.69
N GLY A 15 3.54 1.11 -7.67
CA GLY A 15 2.46 1.27 -6.73
C GLY A 15 2.84 2.38 -5.75
N VAL A 16 2.01 2.56 -4.73
CA VAL A 16 2.27 3.67 -3.82
C VAL A 16 3.61 3.55 -3.16
N ILE A 17 4.10 2.34 -2.92
CA ILE A 17 5.41 2.22 -2.26
C ILE A 17 6.56 2.58 -3.18
N GLY A 18 6.54 2.08 -4.41
CA GLY A 18 7.60 2.44 -5.33
C GLY A 18 7.57 3.93 -5.62
N LEU A 19 6.38 4.50 -5.80
CA LEU A 19 6.28 5.91 -6.13
C LEU A 19 6.82 6.77 -4.98
N SER A 20 6.41 6.37 -3.76
CA SER A 20 6.83 7.13 -2.59
C SER A 20 8.33 7.06 -2.39
N SER A 21 8.87 5.86 -2.52
CA SER A 21 10.31 5.65 -2.42
C SER A 21 11.05 6.46 -3.48
N ALA A 22 10.55 6.40 -4.70
CA ALA A 22 11.15 7.13 -5.81
C ALA A 22 11.15 8.62 -5.54
N LEU A 23 10.04 9.12 -4.97
CA LEU A 23 9.94 10.56 -4.79
C LEU A 23 10.92 11.06 -3.74
N ILE A 24 11.03 10.34 -2.63
CA ILE A 24 11.99 10.80 -1.62
C ILE A 24 13.41 10.70 -2.15
N LEU A 25 13.68 9.68 -2.94
CA LEU A 25 15.00 9.57 -3.57
C LEU A 25 15.26 10.69 -4.56
N ALA A 26 14.27 11.03 -5.38
CA ALA A 26 14.43 12.12 -6.33
C ALA A 26 14.68 13.43 -5.60
N ARG A 27 13.96 13.64 -4.50
CA ARG A 27 14.16 14.85 -3.71
C ARG A 27 15.55 14.92 -3.12
N LYS A 28 16.14 13.75 -2.86
CA LYS A 28 17.50 13.66 -2.32
C LYS A 28 18.57 13.80 -3.40
N GLY A 29 18.13 13.97 -4.65
CA GLY A 29 19.06 14.22 -5.73
C GLY A 29 19.47 12.97 -6.48
N TYR A 30 18.84 11.83 -6.21
CA TYR A 30 19.09 10.66 -7.05
C TYR A 30 18.41 10.81 -8.40
N SER A 31 19.01 10.19 -9.40
CA SER A 31 18.44 10.11 -10.75
C SER A 31 17.65 8.81 -10.84
N VAL A 32 16.33 8.94 -10.83
CA VAL A 32 15.46 7.78 -10.65
C VAL A 32 14.74 7.40 -11.93
N HIS A 33 14.84 6.11 -12.26
CA HIS A 33 14.06 5.52 -13.32
C HIS A 33 13.19 4.41 -12.74
N ILE A 34 11.91 4.51 -13.06
CA ILE A 34 10.92 3.58 -12.55
C ILE A 34 10.55 2.58 -13.65
N LEU A 35 10.76 1.32 -13.35
CA LEU A 35 10.38 0.21 -14.23
C LEU A 35 9.20 -0.52 -13.59
N ALA A 36 8.10 -0.67 -14.33
CA ALA A 36 6.94 -1.33 -13.72
C ALA A 36 5.97 -1.80 -14.80
N ARG A 37 5.26 -2.87 -14.47
CA ARG A 37 4.23 -3.36 -15.39
C ARG A 37 3.01 -2.44 -15.43
N ASP A 38 2.59 -1.99 -14.28
CA ASP A 38 1.42 -1.26 -13.90
C ASP A 38 1.86 0.11 -13.38
N LEU A 39 1.32 1.14 -14.02
CA LEU A 39 1.67 2.52 -13.78
C LEU A 39 0.45 3.27 -13.28
N PRO A 40 0.62 4.47 -12.76
CA PRO A 40 -0.48 5.18 -12.10
C PRO A 40 -1.70 5.43 -12.97
N GLU A 41 -1.54 5.42 -14.29
CA GLU A 41 -2.70 5.60 -15.17
C GLU A 41 -3.56 4.35 -15.24
N ASP A 42 -3.02 3.24 -14.74
CA ASP A 42 -3.71 1.96 -14.84
C ASP A 42 -4.70 1.76 -13.71
N VAL A 43 -5.72 2.59 -13.67
CA VAL A 43 -6.60 2.72 -12.53
C VAL A 43 -7.59 1.58 -12.36
N SER A 44 -7.69 0.65 -13.31
CA SER A 44 -8.57 -0.50 -13.11
C SER A 44 -7.82 -1.82 -13.25
N SER A 45 -6.49 -1.77 -13.18
CA SER A 45 -5.74 -3.01 -13.31
C SER A 45 -5.74 -3.81 -12.01
N GLN A 46 -6.09 -5.08 -12.11
CA GLN A 46 -6.07 -5.97 -10.96
C GLN A 46 -4.73 -6.63 -10.73
N THR A 47 -3.72 -6.30 -11.53
CA THR A 47 -2.42 -6.93 -11.37
C THR A 47 -1.50 -6.13 -10.45
N PHE A 48 -2.07 -5.14 -9.76
CA PHE A 48 -1.40 -4.50 -8.64
C PHE A 48 -2.46 -3.99 -7.67
N ALA A 49 -2.05 -3.64 -6.45
CA ALA A 49 -2.98 -3.34 -5.39
C ALA A 49 -3.38 -1.88 -5.30
N SER A 50 -2.44 -1.01 -5.66
CA SER A 50 -2.62 0.41 -5.36
C SER A 50 -3.87 1.04 -5.92
N PRO A 51 -4.46 0.66 -7.04
CA PRO A 51 -5.70 1.34 -7.44
C PRO A 51 -6.88 1.16 -6.50
N TRP A 52 -6.85 0.12 -5.67
CA TRP A 52 -8.05 -0.43 -5.05
C TRP A 52 -8.25 0.01 -3.62
N ALA A 53 -7.34 0.80 -3.07
CA ALA A 53 -7.38 1.13 -1.66
C ALA A 53 -8.38 2.23 -1.31
N GLY A 54 -8.70 2.32 -0.02
CA GLY A 54 -9.67 3.27 0.48
C GLY A 54 -9.41 4.70 0.05
N ALA A 55 -8.26 5.26 0.34
CA ALA A 55 -7.28 4.71 1.27
C ALA A 55 -7.23 5.59 2.51
N ASN A 56 -7.51 4.98 3.67
CA ASN A 56 -7.45 5.79 4.90
C ASN A 56 -6.32 5.34 5.81
N TRP A 57 -6.29 5.98 6.96
CA TRP A 57 -5.28 5.71 7.97
C TRP A 57 -5.93 5.08 9.20
N THR A 58 -5.73 3.78 9.34
CA THR A 58 -6.34 2.94 10.36
C THR A 58 -5.31 1.94 10.89
N PRO A 59 -4.57 2.24 11.95
CA PRO A 59 -3.57 1.26 12.39
C PRO A 59 -4.16 -0.11 12.69
N PHE A 60 -3.39 -1.16 12.34
CA PHE A 60 -3.88 -2.51 12.55
C PHE A 60 -3.12 -3.28 13.62
N MET A 61 -2.04 -2.73 14.15
CA MET A 61 -1.21 -3.49 15.06
C MET A 61 -0.90 -2.72 16.34
N THR A 62 -0.58 -3.48 17.39
CA THR A 62 -0.05 -2.77 18.56
C THR A 62 1.39 -2.34 18.29
N LEU A 63 1.95 -1.52 19.16
CA LEU A 63 3.36 -1.15 19.02
C LEU A 63 4.28 -2.36 19.06
N THR A 64 4.02 -3.28 19.97
CA THR A 64 4.92 -4.42 20.13
C THR A 64 4.97 -5.35 18.93
N ASP A 65 3.88 -5.74 18.33
CA ASP A 65 3.57 -6.49 17.16
C ASP A 65 4.06 -5.76 15.91
N GLY A 66 3.86 -4.44 15.84
CA GLY A 66 4.25 -3.70 14.66
C GLY A 66 4.98 -2.41 14.90
N PRO A 67 6.19 -2.44 15.46
CA PRO A 67 6.91 -1.21 15.75
C PRO A 67 7.22 -0.38 14.51
N ARG A 68 7.64 -1.03 13.43
CA ARG A 68 7.94 -0.31 12.20
C ARG A 68 6.66 0.30 11.62
N GLN A 69 5.61 -0.52 11.64
CA GLN A 69 4.33 -0.11 11.09
C GLN A 69 3.86 1.18 11.74
N ALA A 70 3.98 1.25 13.06
CA ALA A 70 3.55 2.44 13.79
C ALA A 70 4.41 3.65 13.44
N LYS A 71 5.73 3.44 13.38
CA LYS A 71 6.64 4.52 12.98
C LYS A 71 6.24 5.05 11.60
N TRP A 72 6.02 4.10 10.69
CA TRP A 72 5.72 4.48 9.31
C TRP A 72 4.38 5.20 9.22
N GLU A 73 3.40 4.69 9.98
CA GLU A 73 2.09 5.31 10.05
C GLU A 73 2.14 6.71 10.62
N GLU A 74 2.87 6.87 11.73
CA GLU A 74 2.95 8.21 12.33
C GLU A 74 3.57 9.21 11.37
N SER A 75 4.63 8.83 10.66
CA SER A 75 5.24 9.74 9.70
C SER A 75 4.29 10.06 8.55
N THR A 76 3.58 9.03 8.06
CA THR A 76 2.69 9.24 6.92
C THR A 76 1.53 10.15 7.32
N PHE A 77 1.07 10.02 8.55
CA PHE A 77 -0.04 10.91 8.96
C PHE A 77 0.41 12.36 8.87
N LYS A 78 1.62 12.65 9.32
CA LYS A 78 2.13 14.01 9.25
C LYS A 78 2.18 14.52 7.82
N LYS A 79 2.62 13.65 6.90
CA LYS A 79 2.66 14.01 5.49
C LYS A 79 1.26 14.31 4.96
N TRP A 80 0.29 13.45 5.29
CA TRP A 80 -1.08 13.64 4.81
C TRP A 80 -1.70 14.91 5.38
N VAL A 81 -1.40 15.27 6.62
CA VAL A 81 -1.86 16.55 7.16
C VAL A 81 -1.40 17.68 6.25
N GLU A 82 -0.16 17.56 5.77
CA GLU A 82 0.39 18.61 4.91
C GLU A 82 -0.31 18.70 3.56
N LEU A 83 -1.01 17.64 3.19
CA LEU A 83 -1.64 17.59 1.88
C LEU A 83 -3.09 17.99 1.87
N VAL A 84 -3.62 18.25 3.07
CA VAL A 84 -5.01 18.69 3.14
C VAL A 84 -5.29 19.99 2.42
N PRO A 85 -4.50 21.04 2.61
CA PRO A 85 -4.83 22.33 1.98
C PRO A 85 -4.95 22.25 0.46
N THR A 86 -4.18 21.37 -0.16
CA THR A 86 -4.25 21.26 -1.63
C THR A 86 -5.19 20.15 -2.05
N GLY A 87 -5.90 19.53 -1.10
CA GLY A 87 -6.92 18.56 -1.41
C GLY A 87 -6.45 17.16 -1.73
N HIS A 88 -5.18 16.85 -1.53
CA HIS A 88 -4.69 15.50 -1.82
C HIS A 88 -4.93 14.52 -0.69
N ALA A 89 -5.29 15.04 0.48
CA ALA A 89 -5.80 14.23 1.57
C ALA A 89 -7.04 14.93 2.13
N MET A 90 -7.87 14.15 2.82
CA MET A 90 -9.14 14.71 3.30
C MET A 90 -9.34 14.23 4.73
N TRP A 91 -9.82 15.12 5.58
CA TRP A 91 -10.16 14.73 6.94
C TRP A 91 -11.44 13.86 6.94
N LEU A 92 -11.35 12.81 7.72
CA LEU A 92 -12.46 11.96 8.11
C LEU A 92 -12.74 12.19 9.59
N LYS A 93 -13.51 13.25 9.83
CA LYS A 93 -13.80 13.67 11.20
C LYS A 93 -14.83 12.73 11.82
N GLY A 94 -14.58 12.43 13.08
CA GLY A 94 -15.52 11.59 13.82
C GLY A 94 -15.62 10.21 13.21
N THR A 95 -14.51 9.70 12.72
CA THR A 95 -14.43 8.31 12.32
C THR A 95 -14.79 7.44 13.53
N ARG A 96 -15.54 6.39 13.25
CA ARG A 96 -15.94 5.41 14.25
C ARG A 96 -15.25 4.09 13.97
N ARG A 97 -14.60 3.58 15.00
CA ARG A 97 -13.92 2.30 14.92
C ARG A 97 -14.49 1.34 15.98
N PHE A 98 -14.99 0.21 15.52
CA PHE A 98 -15.54 -0.84 16.36
C PHE A 98 -14.67 -2.09 16.32
N ALA A 99 -14.54 -2.71 17.49
CA ALA A 99 -13.74 -3.92 17.65
C ALA A 99 -14.51 -4.92 18.50
N GLN A 100 -14.06 -6.17 18.50
CA GLN A 100 -14.76 -7.20 19.29
C GLN A 100 -14.53 -7.01 20.78
N ASN A 101 -13.38 -6.43 21.12
CA ASN A 101 -13.03 -6.25 22.52
C ASN A 101 -11.89 -5.24 22.66
N GLU A 102 -11.58 -4.93 23.92
CA GLU A 102 -10.56 -3.92 24.20
C GLU A 102 -9.24 -4.24 23.51
N ASP A 103 -8.88 -5.53 23.48
CA ASP A 103 -7.66 -5.93 22.80
C ASP A 103 -7.63 -5.44 21.36
N GLY A 104 -8.79 -5.46 20.71
CA GLY A 104 -8.89 -5.07 19.30
C GLY A 104 -8.60 -3.60 19.06
N LEU A 105 -8.49 -2.82 20.14
CA LEU A 105 -8.19 -1.40 20.03
C LEU A 105 -6.71 -1.08 20.14
N LEU A 106 -5.88 -2.11 20.20
CA LEU A 106 -4.45 -2.01 19.95
C LEU A 106 -3.73 -1.10 20.93
N GLY A 107 -4.23 -0.99 22.15
CA GLY A 107 -3.56 -0.20 23.17
C GLY A 107 -3.69 1.29 22.91
N HIS A 108 -4.57 1.64 21.97
CA HIS A 108 -4.87 3.04 21.69
C HIS A 108 -3.60 3.81 21.37
N TRP A 109 -2.64 3.15 20.73
CA TRP A 109 -1.30 3.70 20.63
C TRP A 109 -1.29 5.03 19.88
N TYR A 110 -2.20 5.19 18.93
CA TYR A 110 -2.18 6.32 18.01
C TYR A 110 -3.03 7.48 18.50
N LYS A 111 -3.43 7.45 19.77
CA LYS A 111 -4.36 8.43 20.31
C LYS A 111 -3.81 9.85 20.37
N ASP A 112 -2.51 10.05 20.19
CA ASP A 112 -1.95 11.41 20.15
C ASP A 112 -1.78 11.91 18.72
N ILE A 113 -2.09 11.03 17.77
CA ILE A 113 -1.90 11.34 16.36
C ILE A 113 -3.20 11.78 15.72
N THR A 114 -4.21 10.93 15.84
CA THR A 114 -5.54 11.27 15.35
C THR A 114 -6.24 12.21 16.32
N PRO A 115 -6.59 13.42 15.88
CA PRO A 115 -7.26 14.35 16.79
C PRO A 115 -8.56 13.80 17.35
N ASN A 116 -8.92 14.27 18.53
CA ASN A 116 -10.22 14.01 19.14
C ASN A 116 -10.49 12.54 19.36
N TYR A 117 -9.44 11.82 19.74
CA TYR A 117 -9.59 10.40 20.09
C TYR A 117 -10.33 10.26 21.41
N ARG A 118 -11.39 9.48 21.41
CA ARG A 118 -12.08 9.15 22.66
C ARG A 118 -12.89 7.87 22.53
N PRO A 119 -13.20 7.22 23.66
CA PRO A 119 -14.08 6.05 23.62
C PRO A 119 -15.48 6.43 23.16
N LEU A 120 -16.14 5.48 22.52
CA LEU A 120 -17.56 5.63 22.20
C LEU A 120 -18.42 4.93 23.25
N PRO A 121 -19.56 5.53 23.63
CA PRO A 121 -20.51 4.80 24.46
C PRO A 121 -21.01 3.55 23.73
N SER A 122 -21.45 2.54 24.49
CA SER A 122 -21.95 1.31 23.86
C SER A 122 -23.20 1.57 23.04
N SER A 123 -23.96 2.60 23.40
CA SER A 123 -25.15 3.00 22.66
C SER A 123 -24.81 3.40 21.22
N GLU A 124 -23.55 3.73 20.99
CA GLU A 124 -23.05 4.20 19.71
C GLU A 124 -22.23 3.13 18.98
N CYS A 125 -22.25 1.91 19.50
CA CYS A 125 -21.53 0.77 18.96
C CYS A 125 -22.49 -0.35 18.53
N PRO A 126 -22.10 -1.20 17.60
CA PRO A 126 -22.95 -2.38 17.32
C PRO A 126 -23.12 -3.20 18.60
N PRO A 127 -24.20 -3.94 18.74
CA PRO A 127 -24.41 -4.71 19.97
C PRO A 127 -23.22 -5.63 20.28
N GLY A 128 -22.75 -5.53 21.53
CA GLY A 128 -21.69 -6.38 22.04
C GLY A 128 -20.29 -5.88 21.72
N ALA A 129 -20.19 -4.86 20.87
CA ALA A 129 -18.89 -4.35 20.43
C ALA A 129 -18.37 -3.23 21.32
N ILE A 130 -17.09 -2.92 21.10
CA ILE A 130 -16.51 -1.75 21.75
C ILE A 130 -16.02 -0.80 20.66
N GLY A 131 -15.94 0.48 21.01
CA GLY A 131 -15.60 1.48 20.02
C GLY A 131 -14.85 2.70 20.53
N VAL A 132 -14.16 3.31 19.58
CA VAL A 132 -13.54 4.60 19.75
C VAL A 132 -13.90 5.48 18.55
N THR A 133 -13.74 6.78 18.71
CA THR A 133 -13.90 7.74 17.62
C THR A 133 -12.71 8.68 17.63
N TYR A 134 -12.38 9.17 16.45
CA TYR A 134 -11.21 10.02 16.24
C TYR A 134 -11.32 10.66 14.86
N ASP A 135 -10.44 11.62 14.60
CA ASP A 135 -10.35 12.22 13.28
C ASP A 135 -9.14 11.62 12.57
N THR A 136 -9.41 11.02 11.41
CA THR A 136 -8.27 10.49 10.64
C THR A 136 -8.28 11.08 9.24
N LEU A 137 -7.45 10.52 8.36
CA LEU A 137 -7.28 11.06 7.03
C LEU A 137 -7.41 9.95 5.98
N SER A 138 -7.83 10.34 4.79
CA SER A 138 -7.85 9.47 3.63
C SER A 138 -7.32 10.21 2.40
N VAL A 139 -6.89 9.41 1.44
CA VAL A 139 -6.53 9.89 0.12
C VAL A 139 -7.33 9.11 -0.92
N HIS A 140 -7.45 9.69 -2.11
CA HIS A 140 -8.06 9.02 -3.25
C HIS A 140 -6.97 8.18 -3.90
N ALA A 141 -7.03 6.86 -3.74
CA ALA A 141 -5.87 6.05 -4.00
C ALA A 141 -5.29 6.23 -5.39
N PRO A 142 -6.04 6.04 -6.46
CA PRO A 142 -5.43 6.22 -7.78
C PRO A 142 -4.93 7.62 -8.03
N LYS A 143 -5.64 8.65 -7.59
CA LYS A 143 -5.27 10.04 -7.82
C LYS A 143 -4.05 10.43 -6.97
N TYR A 144 -3.94 9.82 -5.80
CA TYR A 144 -2.76 10.02 -4.95
C TYR A 144 -1.51 9.50 -5.66
N CYS A 145 -1.62 8.31 -6.25
CA CYS A 145 -0.48 7.80 -7.01
C CYS A 145 -0.15 8.70 -8.18
N GLN A 146 -1.20 9.21 -8.83
CA GLN A 146 -0.98 10.10 -9.97
C GLN A 146 -0.34 11.42 -9.55
N TYR A 147 -0.71 11.89 -8.36
CA TYR A 147 -0.09 13.07 -7.78
C TYR A 147 1.40 12.81 -7.54
N LEU A 148 1.71 11.68 -6.90
CA LEU A 148 3.11 11.35 -6.68
C LEU A 148 3.89 11.31 -8.00
N ALA A 149 3.27 10.77 -9.04
CA ALA A 149 3.92 10.66 -10.33
C ALA A 149 4.18 12.03 -10.95
N ARG A 150 3.26 12.98 -10.76
CA ARG A 150 3.52 14.32 -11.27
C ARG A 150 4.69 14.94 -10.53
N GLU A 151 4.73 14.70 -9.21
CA GLU A 151 5.82 15.26 -8.41
C GLU A 151 7.15 14.68 -8.86
N LEU A 152 7.10 13.40 -9.18
CA LEU A 152 8.26 12.68 -9.71
C LEU A 152 8.71 13.24 -11.05
N GLN A 153 7.75 13.51 -11.92
CA GLN A 153 8.09 14.08 -13.23
C GLN A 153 8.89 15.37 -13.05
N LYS A 154 8.39 16.26 -12.20
CA LYS A 154 9.04 17.54 -11.98
C LYS A 154 10.46 17.40 -11.46
N LEU A 155 10.70 16.35 -10.67
CA LEU A 155 12.01 16.08 -10.12
C LEU A 155 12.89 15.23 -11.01
N GLY A 156 12.48 15.05 -12.26
CA GLY A 156 13.31 14.43 -13.26
C GLY A 156 13.22 12.93 -13.31
N ALA A 157 12.32 12.32 -12.56
CA ALA A 157 12.21 10.86 -12.64
C ALA A 157 11.54 10.49 -13.97
N THR A 158 11.87 9.30 -14.45
CA THR A 158 11.28 8.77 -15.68
C THR A 158 10.64 7.42 -15.40
N PHE A 159 9.74 7.03 -16.30
CA PHE A 159 8.94 5.84 -16.18
C PHE A 159 9.07 4.98 -17.45
N GLU A 160 8.99 3.68 -17.23
CA GLU A 160 9.02 2.74 -18.35
C GLU A 160 8.25 1.48 -17.95
N ARG A 161 7.37 1.05 -18.84
CA ARG A 161 6.65 -0.21 -18.65
C ARG A 161 7.60 -1.36 -18.98
N ARG A 162 7.66 -2.27 -18.02
CA ARG A 162 8.47 -3.45 -18.20
C ARG A 162 7.95 -4.48 -17.21
N THR A 163 7.94 -5.74 -17.64
CA THR A 163 7.66 -6.85 -16.74
C THR A 163 8.91 -7.72 -16.61
N VAL A 164 9.51 -7.64 -15.43
CA VAL A 164 10.78 -8.33 -15.17
C VAL A 164 10.53 -9.76 -14.69
N THR A 165 11.33 -10.69 -15.15
CA THR A 165 11.35 -12.10 -14.78
C THR A 165 12.62 -12.53 -14.07
N SER A 166 13.65 -11.70 -14.12
CA SER A 166 14.94 -11.98 -13.53
C SER A 166 15.64 -10.66 -13.22
N LEU A 167 16.30 -10.61 -12.06
CA LEU A 167 16.83 -9.39 -11.51
C LEU A 167 17.74 -8.61 -12.46
N GLU A 168 18.52 -9.32 -13.25
CA GLU A 168 19.44 -8.59 -14.11
C GLU A 168 18.73 -7.62 -15.04
N GLN A 169 17.45 -7.84 -15.34
CA GLN A 169 16.63 -6.97 -16.17
C GLN A 169 16.30 -5.65 -15.48
N ALA A 170 16.37 -5.63 -14.15
CA ALA A 170 16.09 -4.41 -13.42
C ALA A 170 17.37 -3.62 -13.21
N PHE A 171 18.50 -4.31 -13.20
CA PHE A 171 19.77 -3.62 -12.95
C PHE A 171 20.30 -2.99 -14.23
N ASP A 172 19.43 -2.19 -14.85
CA ASP A 172 19.55 -1.56 -16.15
C ASP A 172 19.94 -0.10 -16.01
N GLY A 173 21.25 0.15 -16.10
CA GLY A 173 21.70 1.53 -15.94
C GLY A 173 21.81 1.95 -14.50
N ALA A 174 21.63 1.01 -13.57
CA ALA A 174 21.90 1.34 -12.17
C ALA A 174 22.40 0.12 -11.40
N ASP A 175 23.21 0.37 -10.38
CA ASP A 175 23.77 -0.68 -9.54
C ASP A 175 22.97 -0.88 -8.26
N LEU A 176 21.91 -0.11 -8.13
CA LEU A 176 20.98 -0.22 -7.01
C LEU A 176 19.55 -0.17 -7.55
N VAL A 177 18.77 -1.14 -7.12
CA VAL A 177 17.34 -1.24 -7.42
C VAL A 177 16.55 -1.29 -6.13
N VAL A 178 15.47 -0.52 -6.09
CA VAL A 178 14.47 -0.64 -5.04
C VAL A 178 13.40 -1.61 -5.53
N ASN A 179 13.22 -2.69 -4.80
CA ASN A 179 12.26 -3.72 -5.14
C ASN A 179 10.93 -3.45 -4.46
N ALA A 180 10.01 -2.84 -5.19
CA ALA A 180 8.68 -2.53 -4.69
C ALA A 180 7.60 -3.17 -5.55
N THR A 181 7.70 -4.49 -5.69
CA THR A 181 6.86 -5.18 -6.65
C THR A 181 5.69 -5.91 -6.01
N GLY A 182 5.41 -5.69 -4.74
CA GLY A 182 4.24 -6.32 -4.16
C GLY A 182 4.26 -7.82 -4.28
N LEU A 183 3.23 -8.39 -4.87
CA LEU A 183 3.12 -9.82 -5.07
C LEU A 183 4.14 -10.35 -6.05
N GLY A 184 4.64 -9.50 -6.94
CA GLY A 184 5.55 -9.97 -7.97
C GLY A 184 6.88 -10.49 -7.44
N ALA A 185 7.23 -10.10 -6.21
CA ALA A 185 8.46 -10.52 -5.57
C ALA A 185 8.60 -12.03 -5.53
N LYS A 186 7.49 -12.75 -5.56
CA LYS A 186 7.58 -14.20 -5.47
C LYS A 186 8.14 -14.80 -6.75
N SER A 187 7.86 -14.19 -7.91
CA SER A 187 8.15 -14.89 -9.15
C SER A 187 9.27 -14.28 -9.95
N ILE A 188 9.94 -13.26 -9.40
CA ILE A 188 11.13 -12.73 -10.07
C ILE A 188 12.35 -13.53 -9.62
N ALA A 189 13.07 -14.08 -10.60
CA ALA A 189 14.30 -14.81 -10.29
C ALA A 189 15.30 -13.88 -9.60
N GLY A 190 15.86 -14.33 -8.48
CA GLY A 190 16.77 -13.54 -7.67
C GLY A 190 16.08 -12.95 -6.45
N ILE A 191 14.76 -12.95 -6.46
CA ILE A 191 13.99 -12.59 -5.29
C ILE A 191 13.25 -13.80 -4.73
N ASP A 192 12.40 -14.42 -5.53
CA ASP A 192 11.85 -15.74 -5.26
C ASP A 192 11.20 -15.88 -3.89
N ASP A 193 10.51 -14.84 -3.43
CA ASP A 193 10.03 -14.83 -2.06
C ASP A 193 8.70 -15.57 -1.93
N GLN A 194 8.79 -16.81 -1.43
CA GLN A 194 7.63 -17.66 -1.27
C GLN A 194 6.67 -17.15 -0.21
N ALA A 195 7.13 -16.22 0.62
CA ALA A 195 6.34 -15.69 1.71
C ALA A 195 5.34 -14.63 1.26
N ALA A 196 5.55 -14.10 0.06
CA ALA A 196 4.56 -13.17 -0.48
C ALA A 196 3.24 -13.88 -0.68
N GLU A 197 2.15 -13.21 -0.31
CA GLU A 197 0.82 -13.81 -0.39
C GLU A 197 -0.21 -12.71 -0.61
N PRO A 198 -1.22 -12.97 -1.42
CA PRO A 198 -2.31 -12.00 -1.57
C PRO A 198 -3.26 -12.08 -0.38
N ILE A 199 -3.87 -10.94 -0.11
CA ILE A 199 -5.05 -10.90 0.75
C ILE A 199 -6.16 -10.17 0.00
N ARG A 200 -7.09 -10.97 -0.50
CA ARG A 200 -8.12 -10.48 -1.41
C ARG A 200 -9.12 -9.54 -0.74
N GLY A 201 -9.38 -8.43 -1.43
CA GLY A 201 -10.28 -7.41 -0.93
C GLY A 201 -11.31 -7.01 -1.98
N GLN A 202 -12.56 -7.35 -1.72
CA GLN A 202 -13.68 -6.95 -2.56
C GLN A 202 -14.35 -5.72 -1.94
N THR A 203 -14.70 -4.76 -2.80
CA THR A 203 -15.38 -3.57 -2.33
C THR A 203 -16.50 -3.19 -3.29
N VAL A 204 -17.35 -2.30 -2.80
CA VAL A 204 -18.32 -1.61 -3.64
C VAL A 204 -18.02 -0.11 -3.62
N LEU A 205 -17.79 0.49 -4.78
CA LEU A 205 -17.62 1.94 -4.83
C LEU A 205 -19.00 2.57 -5.02
N VAL A 206 -19.34 3.51 -4.15
CA VAL A 206 -20.65 4.10 -4.06
C VAL A 206 -20.57 5.61 -4.23
N LYS A 207 -21.55 6.14 -4.94
CA LYS A 207 -21.77 7.58 -5.03
C LYS A 207 -22.62 8.06 -3.84
N SER A 208 -22.01 8.85 -2.97
CA SER A 208 -22.69 9.31 -1.76
C SER A 208 -21.96 10.50 -1.16
N PRO A 209 -22.70 11.48 -0.66
CA PRO A 209 -22.09 12.60 0.06
C PRO A 209 -21.65 12.25 1.48
N CYS A 210 -21.86 11.01 1.90
CA CYS A 210 -21.46 10.59 3.24
C CYS A 210 -20.00 10.94 3.50
N LYS A 211 -19.72 11.69 4.57
CA LYS A 211 -18.36 12.04 4.94
C LYS A 211 -17.88 11.36 6.21
N ARG A 212 -18.67 10.42 6.72
CA ARG A 212 -18.36 9.69 7.94
C ARG A 212 -17.72 8.35 7.59
N CYS A 213 -16.60 8.10 8.24
CA CYS A 213 -15.88 6.84 8.08
C CYS A 213 -16.24 5.91 9.24
N THR A 214 -16.57 4.67 8.92
CA THR A 214 -16.79 3.64 9.94
C THR A 214 -15.97 2.41 9.61
N MET A 215 -15.17 1.99 10.58
CA MET A 215 -14.31 0.81 10.47
C MET A 215 -14.80 -0.25 11.45
N ASP A 216 -15.44 -1.30 10.97
CA ASP A 216 -16.02 -2.28 11.90
C ASP A 216 -15.33 -3.64 11.82
N SER A 217 -14.59 -3.99 12.87
CA SER A 217 -13.98 -5.32 12.92
C SER A 217 -14.57 -6.11 14.08
N SER A 218 -15.76 -5.72 14.50
CA SER A 218 -16.41 -6.32 15.67
C SER A 218 -17.14 -7.62 15.36
N ASP A 219 -17.37 -7.88 14.08
CA ASP A 219 -17.98 -9.13 13.65
C ASP A 219 -17.00 -9.97 12.84
N PRO A 220 -16.45 -11.02 13.44
CA PRO A 220 -15.47 -11.83 12.72
C PRO A 220 -16.06 -12.54 11.51
N ALA A 221 -17.38 -12.59 11.38
CA ALA A 221 -17.94 -13.25 10.21
C ALA A 221 -18.22 -12.26 9.09
N SER A 222 -17.98 -10.99 9.37
CA SER A 222 -18.34 -9.95 8.42
C SER A 222 -17.49 -8.71 8.57
N PRO A 223 -16.33 -8.66 7.93
CA PRO A 223 -15.56 -7.42 7.94
C PRO A 223 -16.34 -6.34 7.20
N ALA A 224 -16.35 -5.13 7.74
CA ALA A 224 -17.05 -4.04 7.07
C ALA A 224 -16.34 -2.72 7.33
N TYR A 225 -16.43 -1.86 6.32
CA TYR A 225 -15.90 -0.52 6.42
C TYR A 225 -16.53 0.39 5.37
N ILE A 226 -16.61 1.65 5.77
CA ILE A 226 -17.07 2.73 4.90
C ILE A 226 -16.02 3.83 4.91
N ILE A 227 -15.41 4.02 3.75
CA ILE A 227 -14.33 4.99 3.63
C ILE A 227 -14.64 6.03 2.57
N PRO A 228 -15.06 7.21 3.01
CA PRO A 228 -15.23 8.33 2.06
C PRO A 228 -13.88 8.71 1.47
N ARG A 229 -13.87 9.11 0.20
CA ARG A 229 -12.62 9.60 -0.38
C ARG A 229 -12.91 10.91 -1.11
N PRO A 230 -11.88 11.71 -1.34
CA PRO A 230 -12.07 12.99 -2.03
C PRO A 230 -12.85 12.75 -3.32
N GLY A 231 -13.93 13.50 -3.49
CA GLY A 231 -14.70 13.39 -4.70
C GLY A 231 -16.11 12.91 -4.58
N GLY A 232 -16.70 12.78 -3.40
CA GLY A 232 -18.13 12.47 -3.35
C GLY A 232 -18.42 10.99 -3.52
N GLU A 233 -17.42 10.17 -3.22
CA GLU A 233 -17.58 8.74 -3.34
C GLU A 233 -17.20 8.07 -2.03
N VAL A 234 -17.76 6.89 -1.80
CA VAL A 234 -17.36 6.11 -0.63
C VAL A 234 -17.06 4.68 -1.03
N ILE A 235 -16.00 4.13 -0.45
CA ILE A 235 -15.69 2.73 -0.63
C ILE A 235 -16.26 1.90 0.52
N CYS A 236 -17.09 0.94 0.15
CA CYS A 236 -17.70 0.03 1.10
C CYS A 236 -17.01 -1.34 1.01
N GLY A 237 -16.52 -1.78 2.15
CA GLY A 237 -15.84 -3.07 2.23
C GLY A 237 -16.46 -3.94 3.32
N GLY A 238 -15.94 -5.15 3.49
CA GLY A 238 -14.83 -5.62 2.70
C GLY A 238 -14.56 -7.09 2.96
N THR A 239 -13.43 -7.57 2.43
CA THR A 239 -13.00 -8.93 2.69
C THR A 239 -11.49 -8.95 2.96
N TYR A 240 -11.04 -10.00 3.62
CA TYR A 240 -9.63 -10.27 3.88
C TYR A 240 -9.33 -11.73 3.59
N GLY A 241 -9.37 -12.08 2.30
CA GLY A 241 -9.18 -13.44 1.88
C GLY A 241 -7.71 -13.80 1.76
N VAL A 242 -7.15 -14.31 2.86
CA VAL A 242 -5.73 -14.64 2.87
C VAL A 242 -5.42 -15.80 1.94
N GLY A 243 -4.48 -15.55 1.03
CA GLY A 243 -4.07 -16.56 0.07
C GLY A 243 -5.04 -16.70 -1.10
N ASP A 244 -6.07 -15.87 -1.15
CA ASP A 244 -7.08 -15.97 -2.20
C ASP A 244 -6.72 -15.04 -3.36
N TRP A 245 -6.53 -15.62 -4.53
CA TRP A 245 -6.15 -14.89 -5.74
C TRP A 245 -7.33 -14.56 -6.65
N ASP A 246 -8.54 -14.90 -6.24
CA ASP A 246 -9.71 -14.80 -7.11
C ASP A 246 -10.03 -13.35 -7.44
N LEU A 247 -9.96 -13.01 -8.72
CA LEU A 247 -10.22 -11.65 -9.19
C LEU A 247 -11.66 -11.38 -9.55
N SER A 248 -12.52 -12.38 -9.50
CA SER A 248 -13.92 -12.20 -9.87
C SER A 248 -14.74 -11.65 -8.72
N VAL A 249 -15.81 -10.93 -9.10
CA VAL A 249 -16.74 -10.36 -8.14
C VAL A 249 -17.70 -11.44 -7.65
N ASN A 250 -17.74 -11.59 -6.35
CA ASN A 250 -18.64 -12.52 -5.67
C ASN A 250 -19.95 -11.79 -5.40
N PRO A 251 -21.06 -12.23 -5.99
CA PRO A 251 -22.33 -11.52 -5.78
C PRO A 251 -22.89 -11.62 -4.38
N GLU A 252 -22.73 -12.75 -3.71
CA GLU A 252 -23.11 -12.85 -2.31
C GLU A 252 -22.34 -11.86 -1.44
N THR A 253 -21.05 -11.68 -1.73
CA THR A 253 -20.24 -10.72 -0.97
C THR A 253 -20.79 -9.31 -1.15
N VAL A 254 -21.27 -8.99 -2.34
CA VAL A 254 -21.89 -7.68 -2.55
C VAL A 254 -23.01 -7.44 -1.56
N GLN A 255 -23.90 -8.44 -1.47
CA GLN A 255 -25.06 -8.30 -0.59
C GLN A 255 -24.62 -8.15 0.86
N ARG A 256 -23.66 -8.96 1.28
CA ARG A 256 -23.21 -8.90 2.67
C ARG A 256 -22.60 -7.54 3.00
N ILE A 257 -21.72 -7.10 2.11
CA ILE A 257 -21.08 -5.80 2.35
C ILE A 257 -22.10 -4.67 2.43
N LEU A 258 -22.99 -4.60 1.44
CA LEU A 258 -23.92 -3.47 1.45
C LEU A 258 -24.87 -3.52 2.62
N LYS A 259 -25.34 -4.71 2.98
CA LYS A 259 -26.26 -4.81 4.13
C LYS A 259 -25.59 -4.36 5.42
N HIS A 260 -24.35 -4.82 5.61
CA HIS A 260 -23.59 -4.49 6.81
C HIS A 260 -23.29 -3.00 6.81
N CYS A 261 -22.72 -2.49 5.73
CA CYS A 261 -22.43 -1.05 5.70
C CYS A 261 -23.68 -0.23 5.96
N LEU A 262 -24.83 -0.66 5.44
CA LEU A 262 -26.07 0.08 5.67
C LEU A 262 -26.45 0.08 7.13
N ARG A 263 -26.20 -1.03 7.81
CA ARG A 263 -26.44 -1.05 9.25
C ARG A 263 -25.59 0.02 9.94
N LEU A 264 -24.34 0.08 9.51
CA LEU A 264 -23.38 0.98 10.12
C LEU A 264 -23.72 2.44 9.85
N ASP A 265 -24.21 2.73 8.65
CA ASP A 265 -24.49 4.11 8.28
C ASP A 265 -25.45 4.21 7.11
N PRO A 266 -26.73 4.40 7.41
CA PRO A 266 -27.74 4.45 6.36
C PRO A 266 -27.52 5.56 5.35
N THR A 267 -26.70 6.56 5.70
CA THR A 267 -26.58 7.69 4.78
C THR A 267 -25.73 7.37 3.57
N ILE A 268 -25.19 6.15 3.47
CA ILE A 268 -24.53 5.76 2.23
C ILE A 268 -25.56 5.51 1.13
N SER A 269 -26.83 5.48 1.51
CA SER A 269 -27.95 5.31 0.60
C SER A 269 -28.77 6.59 0.48
N SER A 270 -29.51 6.71 -0.61
CA SER A 270 -30.34 7.90 -0.80
C SER A 270 -31.54 7.84 0.13
N ASP A 271 -31.96 6.63 0.48
CA ASP A 271 -33.20 6.51 1.24
C ASP A 271 -33.08 5.52 2.39
N GLY A 272 -31.84 5.22 2.75
CA GLY A 272 -31.51 4.32 3.84
C GLY A 272 -31.81 2.88 3.51
N THR A 273 -32.00 2.59 2.22
CA THR A 273 -32.27 1.20 1.83
C THR A 273 -31.17 0.73 0.88
N ILE A 274 -31.02 -0.59 0.78
CA ILE A 274 -30.05 -1.15 -0.14
C ILE A 274 -30.25 -0.64 -1.56
N GLU A 275 -31.53 -0.60 -1.94
CA GLU A 275 -31.95 -0.26 -3.30
C GLU A 275 -31.67 1.21 -3.61
N GLY A 276 -31.42 1.96 -2.55
CA GLY A 276 -31.12 3.37 -2.65
C GLY A 276 -29.63 3.65 -2.73
N ILE A 277 -28.78 2.61 -2.69
CA ILE A 277 -27.34 2.81 -2.81
C ILE A 277 -26.93 2.96 -4.27
N GLU A 278 -26.29 4.09 -4.57
CA GLU A 278 -25.85 4.34 -5.94
C GLU A 278 -24.48 3.72 -6.19
N VAL A 279 -24.53 2.53 -6.76
CA VAL A 279 -23.34 1.75 -7.01
C VAL A 279 -22.60 2.27 -8.24
N LEU A 280 -21.31 2.53 -8.07
CA LEU A 280 -20.52 2.95 -9.22
C LEU A 280 -19.71 1.81 -9.82
N ARG A 281 -19.20 0.93 -8.99
CA ARG A 281 -18.31 -0.12 -9.44
C ARG A 281 -18.13 -1.19 -8.37
N HIS A 282 -18.01 -2.42 -8.83
CA HIS A 282 -17.64 -3.57 -8.01
C HIS A 282 -16.17 -3.86 -8.25
N ASN A 283 -15.39 -3.88 -7.18
CA ASN A 283 -13.96 -3.98 -7.25
C ASN A 283 -13.42 -5.20 -6.50
N VAL A 284 -12.37 -5.79 -7.05
CA VAL A 284 -11.58 -6.81 -6.36
C VAL A 284 -10.10 -6.50 -6.58
N GLY A 285 -9.39 -6.32 -5.49
CA GLY A 285 -7.95 -6.15 -5.51
C GLY A 285 -7.28 -7.17 -4.61
N LEU A 286 -6.02 -7.47 -4.92
CA LEU A 286 -5.23 -8.36 -4.08
C LEU A 286 -4.19 -7.56 -3.32
N ARG A 287 -4.38 -7.51 -2.00
CA ARG A 287 -3.41 -6.83 -1.19
C ARG A 287 -2.08 -7.60 -1.24
N PRO A 288 -0.95 -6.93 -1.37
CA PRO A 288 0.33 -7.68 -1.43
C PRO A 288 0.92 -7.80 -0.04
N ALA A 289 0.70 -8.96 0.56
CA ALA A 289 1.11 -9.20 1.93
C ALA A 289 2.32 -10.12 1.92
N ARG A 290 2.82 -10.44 3.11
CA ARG A 290 4.00 -11.28 3.25
C ARG A 290 4.05 -11.89 4.63
N ARG A 291 4.14 -13.22 4.64
CA ARG A 291 4.29 -13.87 5.95
C ARG A 291 5.62 -13.44 6.53
N GLY A 292 5.61 -12.99 7.78
CA GLY A 292 6.80 -12.42 8.40
C GLY A 292 6.77 -10.91 8.40
N GLY A 293 5.75 -10.35 7.75
CA GLY A 293 5.53 -8.93 7.65
C GLY A 293 6.29 -8.27 6.51
N PRO A 294 6.10 -6.95 6.38
CA PRO A 294 6.73 -6.22 5.29
C PRO A 294 8.25 -6.38 5.32
N ARG A 295 8.81 -6.40 4.13
CA ARG A 295 10.25 -6.52 3.97
C ARG A 295 10.83 -5.18 3.50
N VAL A 296 11.60 -4.57 4.38
CA VAL A 296 12.28 -3.32 4.08
C VAL A 296 13.72 -3.44 4.57
N GLU A 297 14.59 -3.80 3.62
CA GLU A 297 15.98 -4.11 3.95
C GLU A 297 16.81 -4.15 2.67
N ALA A 298 18.11 -3.95 2.82
CA ALA A 298 19.01 -3.93 1.68
C ALA A 298 19.83 -5.22 1.66
N GLU A 299 19.87 -5.81 0.48
CA GLU A 299 20.55 -7.05 0.16
C GLU A 299 21.70 -6.82 -0.82
N ARG A 300 22.80 -7.53 -0.69
CA ARG A 300 23.85 -7.47 -1.69
C ARG A 300 23.81 -8.76 -2.51
N ILE A 301 23.76 -8.59 -3.83
CA ILE A 301 23.56 -9.71 -4.73
C ILE A 301 24.57 -9.71 -5.87
N VAL A 302 25.08 -10.91 -6.16
CA VAL A 302 25.98 -11.05 -7.30
C VAL A 302 25.18 -11.43 -8.55
N LEU A 303 25.50 -10.74 -9.63
CA LEU A 303 24.97 -11.02 -10.95
C LEU A 303 26.07 -11.50 -11.88
N PRO A 304 25.77 -12.38 -12.83
CA PRO A 304 24.47 -12.98 -13.06
C PRO A 304 24.07 -14.01 -12.00
N LEU A 305 22.76 -14.20 -11.88
CA LEU A 305 22.20 -15.21 -11.01
C LEU A 305 22.54 -16.59 -11.55
N ASP A 306 22.63 -17.54 -10.62
CA ASP A 306 22.75 -18.93 -11.08
C ASP A 306 21.59 -19.72 -10.49
N ARG A 307 21.46 -20.94 -10.99
CA ARG A 307 20.36 -21.79 -10.56
C ARG A 307 20.49 -22.11 -9.09
N THR A 308 21.71 -22.00 -8.55
CA THR A 308 21.83 -22.16 -7.10
C THR A 308 21.27 -20.95 -6.36
N LYS A 309 21.28 -19.75 -6.94
CA LYS A 309 20.65 -18.64 -6.23
C LYS A 309 19.12 -18.68 -6.35
N SER A 310 18.65 -19.21 -7.47
CA SER A 310 17.24 -19.07 -7.80
C SER A 310 16.74 -20.24 -8.64
N PRO A 311 15.70 -20.92 -8.19
CA PRO A 311 15.10 -22.00 -8.97
C PRO A 311 14.54 -21.54 -10.32
N LEU A 312 14.19 -20.29 -10.43
CA LEU A 312 13.67 -19.63 -11.62
C LEU A 312 14.70 -18.94 -12.50
N SER A 313 16.00 -19.13 -12.26
CA SER A 313 16.98 -18.46 -13.11
C SER A 313 16.84 -18.95 -14.56
N LEU A 314 17.14 -18.04 -15.46
CA LEU A 314 17.02 -18.26 -16.89
C LEU A 314 18.27 -18.88 -17.47
N GLY A 315 18.15 -19.47 -18.66
CA GLY A 315 19.28 -20.18 -19.25
C GLY A 315 19.40 -21.60 -18.73
N ARG A 316 20.53 -22.22 -19.01
CA ARG A 316 20.78 -23.57 -18.51
C ARG A 316 21.22 -23.55 -17.05
N GLY A 317 20.77 -24.55 -16.29
CA GLY A 317 21.16 -24.73 -14.91
C GLY A 317 22.66 -24.77 -14.72
N SER A 318 23.42 -25.12 -15.75
CA SER A 318 24.87 -25.02 -15.64
C SER A 318 25.31 -23.56 -15.81
N ALA A 319 25.64 -22.89 -14.72
CA ALA A 319 25.99 -21.48 -14.80
C ALA A 319 27.21 -21.09 -13.96
N ARG A 320 27.95 -20.10 -14.46
CA ARG A 320 29.13 -19.54 -13.85
C ARG A 320 29.70 -18.39 -14.69
N ALA A 321 30.84 -17.89 -14.23
CA ALA A 321 31.90 -17.13 -14.84
C ALA A 321 31.50 -15.81 -15.48
N ALA A 322 30.76 -15.89 -16.57
CA ALA A 322 30.38 -14.75 -17.39
C ALA A 322 29.29 -13.91 -16.72
N LYS A 323 29.54 -12.72 -16.21
CA LYS A 323 30.73 -11.93 -16.04
C LYS A 323 31.02 -11.72 -14.54
N GLU A 324 30.00 -11.26 -13.83
CA GLU A 324 29.90 -11.09 -12.40
C GLU A 324 30.05 -9.64 -11.95
N LYS A 325 29.01 -9.16 -11.29
CA LYS A 325 29.07 -7.87 -10.59
C LYS A 325 28.26 -8.02 -9.31
N GLU A 326 28.56 -7.20 -8.33
CA GLU A 326 27.74 -7.20 -7.11
C GLU A 326 26.92 -5.93 -7.08
N VAL A 327 25.63 -6.04 -6.78
CA VAL A 327 24.74 -4.89 -6.80
C VAL A 327 23.91 -4.84 -5.52
N THR A 328 23.18 -3.75 -5.32
CA THR A 328 22.37 -3.56 -4.13
C THR A 328 20.89 -3.65 -4.48
N LEU A 329 20.17 -4.49 -3.74
CA LEU A 329 18.73 -4.60 -3.91
C LEU A 329 18.06 -4.19 -2.60
N VAL A 330 17.30 -3.11 -2.65
CA VAL A 330 16.61 -2.61 -1.47
C VAL A 330 15.14 -3.00 -1.53
N HIS A 331 14.77 -3.96 -0.69
CA HIS A 331 13.41 -4.48 -0.68
C HIS A 331 12.45 -3.50 -0.02
N ALA A 332 11.26 -3.40 -0.59
CA ALA A 332 10.17 -2.67 0.01
C ALA A 332 8.83 -3.25 -0.44
N TYR A 333 8.42 -4.36 0.16
CA TYR A 333 7.17 -4.99 -0.27
C TYR A 333 6.56 -5.80 0.87
N GLY A 334 5.28 -6.12 0.70
CA GLY A 334 4.53 -6.90 1.66
C GLY A 334 3.77 -6.08 2.68
N PHE A 335 3.29 -4.92 2.25
CA PHE A 335 2.60 -4.01 3.17
C PHE A 335 1.14 -4.35 3.41
N SER A 336 0.62 -5.36 2.75
CA SER A 336 -0.71 -5.90 3.06
C SER A 336 -1.80 -4.84 2.97
N SER A 337 -2.58 -4.65 4.03
CA SER A 337 -3.70 -3.72 4.10
C SER A 337 -3.29 -2.31 4.48
N ALA A 338 -2.00 -2.00 4.55
CA ALA A 338 -1.56 -0.74 5.15
C ALA A 338 -0.49 0.02 4.40
N GLY A 339 -0.38 -0.23 3.13
CA GLY A 339 0.61 0.30 2.23
C GLY A 339 0.49 1.79 2.03
N TYR A 340 -0.74 2.30 1.93
CA TYR A 340 -0.89 3.75 1.83
C TYR A 340 -0.52 4.42 3.15
N GLN A 341 -1.12 3.97 4.25
CA GLN A 341 -0.91 4.62 5.53
C GLN A 341 0.51 4.45 6.05
N GLN A 342 1.28 3.52 5.49
CA GLN A 342 2.68 3.38 5.87
C GLN A 342 3.63 3.97 4.85
N SER A 343 3.13 4.35 3.68
CA SER A 343 3.94 4.61 2.51
C SER A 343 5.06 5.63 2.71
N TRP A 344 4.74 6.77 3.31
CA TRP A 344 5.73 7.83 3.40
C TRP A 344 6.85 7.44 4.35
N GLY A 345 6.47 6.89 5.50
CA GLY A 345 7.48 6.46 6.46
C GLY A 345 8.30 5.31 5.91
N ALA A 346 7.67 4.38 5.20
CA ALA A 346 8.40 3.26 4.62
C ALA A 346 9.41 3.79 3.59
N ALA A 347 8.95 4.75 2.79
CA ALA A 347 9.81 5.38 1.79
C ALA A 347 10.98 6.10 2.44
N GLU A 348 10.75 6.71 3.61
CA GLU A 348 11.84 7.34 4.33
C GLU A 348 12.90 6.30 4.70
N ASP A 349 12.44 5.14 5.19
CA ASP A 349 13.39 4.09 5.55
C ASP A 349 14.10 3.53 4.33
N VAL A 350 13.39 3.37 3.23
CA VAL A 350 14.03 2.94 1.99
C VAL A 350 15.12 3.92 1.57
N ALA A 351 14.82 5.21 1.63
CA ALA A 351 15.79 6.22 1.20
C ALA A 351 17.01 6.24 2.11
N GLN A 352 16.79 5.99 3.41
CA GLN A 352 17.94 5.91 4.30
C GLN A 352 18.82 4.73 3.93
N LEU A 353 18.19 3.60 3.62
CA LEU A 353 18.96 2.42 3.22
C LEU A 353 19.75 2.71 1.96
N VAL A 354 19.13 3.42 1.02
CA VAL A 354 19.82 3.72 -0.24
C VAL A 354 21.03 4.61 0.03
N ASP A 355 20.85 5.61 0.90
CA ASP A 355 21.95 6.51 1.26
C ASP A 355 23.12 5.71 1.85
N GLU A 356 22.76 4.81 2.76
CA GLU A 356 23.78 4.01 3.43
C GLU A 356 24.46 3.06 2.46
N ALA A 357 23.69 2.42 1.60
CA ALA A 357 24.31 1.53 0.61
C ALA A 357 25.21 2.31 -0.34
N PHE A 358 24.81 3.55 -0.65
CA PHE A 358 25.64 4.36 -1.53
C PHE A 358 26.98 4.69 -0.87
N GLN A 359 26.95 4.98 0.42
CA GLN A 359 28.16 5.23 1.18
C GLN A 359 29.07 4.01 1.21
N ARG A 360 28.46 2.86 1.47
CA ARG A 360 29.24 1.66 1.67
C ARG A 360 29.71 1.04 0.36
N TYR A 361 28.89 1.05 -0.69
CA TYR A 361 29.15 0.21 -1.84
C TYR A 361 29.26 0.97 -3.16
N HIS A 362 28.73 2.17 -3.25
CA HIS A 362 28.59 2.84 -4.54
C HIS A 362 29.32 4.18 -4.60
N GLY A 363 30.38 4.32 -3.82
CA GLY A 363 31.21 5.51 -3.82
C GLY A 363 30.63 6.65 -3.02
#